data_3DIY
#
_entry.id   3DIY
#
_cell.length_a   54.193
_cell.length_b   78.662
_cell.length_c   140.522
_cell.angle_alpha   90.00
_cell.angle_beta   90.00
_cell.angle_gamma   90.00
#
_symmetry.space_group_name_H-M   'P 21 21 21'
#
loop_
_entity.id
_entity.type
_entity.pdbx_description
1 polymer 'RNA (174-MER)'
2 non-polymer 'POTASSIUM ION'
3 non-polymer 'SODIUM ION'
4 non-polymer 'MANGANESE (II) ION'
5 non-polymer LYSINE
6 water water
#
_entity_poly.entity_id   1
_entity_poly.type   'polyribonucleotide'
_entity_poly.pdbx_seq_one_letter_code
;(GDP)GCCGACGGAGGCGCGCCCGAGAUGAGUAGGCUGUCCCAUCAGGGGAGGAAUCGGGGACGGCUGAAAGGCGAGGGC
GCCGAAGGGUGCAGAGUUCCUCCCGCUCUGCAUGCCUGGGGGUAUGGGGAAUACCCAUACCACUGUCACGGAGGUCUCUC
CGUGGAGAGCCGUCGGU(CCC)
;
_entity_poly.pdbx_strand_id   A
#